data_8HI2
#
_entry.id   8HI2
#
_cell.length_a   1.00
_cell.length_b   1.00
_cell.length_c   1.00
_cell.angle_alpha   90.00
_cell.angle_beta   90.00
_cell.angle_gamma   90.00
#
_symmetry.space_group_name_H-M   'P 1'
#
loop_
_entity.id
_entity.type
_entity.pdbx_description
1 polymer 'Genome polyprotein'
2 polymer 'Genome polyprotein (Fragment)'
3 polymer 'Genome polyprotein (Fragment)'
#
loop_
_entity_poly.entity_id
_entity_poly.type
_entity_poly.pdbx_seq_one_letter_code
_entity_poly.pdbx_strand_id
1 'polypeptide(L)'
;HSTAETTLDSFFSRAGLVGEIDLPLKGTTNPNGYANWDIDITGYAQMRRKVELFTYMRFDAEFTFVACTPTGEVVPQLLQ
YMFVPPGAPKPDSRESLAWQTATNPSVFVKLSDPPAQVSVPFMSPASAYQWFYDGYPTFGEHKQEKDLEYGAMPNNMMGT
FSVRTVGTSKSKYPLVVRIYMRMKHVRAWIPRPMRNQNYLFKANPNYAGNSIKPTGASRTAITTL
;
A
2 'polypeptide(L)'
;VAQLTIGNSTITTQEAANIIVGYGEWPSYCSDSDATAVDKPTRPDVSVNRFYTLDTKLWEKSSKGWYWKFPDVLTETGVF
GQNAQFHYLYRSGFCIHVQCNASKFHQGALLVAVLPEYVIGTVAGGTGTEDTHPPYKQTQPGADGFELQHPYVLDAGIPI
SQLTVCPHQWINLRTNNCATIIVPYINALPFDSALNHCNFGLLVVPISPLDYDQGATPVIPITITLAPMCSEFAGLR
;
B
3 'polypeptide(L)'
;GFPTELKPGTNQFLTTDDGVSAPILPNFHPTPCIHIPGEVRNLLELCQVETILEVNNVPTNATSLMERLRFPVSAQAGKG
ELCAVFRADPGRNGPWQSTLLGQLCGYYTQWSGSLEVTFMFTGSFMATGKMLIAYTPPGGPLPKDRATAMLGTHVIWDFG
LQSSVTLVIPWISNTHYRAHARDGVFDYYTTGLVSIWYQTNYVVPIGAPNTAYIIALAAAQKNFTMKLCKDASDILQTG
;
C
#
# COMPACT_ATOMS: atom_id res chain seq x y z
N THR A 3 -2.45 -18.68 12.19
CA THR A 3 -2.91 -17.30 12.18
C THR A 3 -2.05 -16.41 13.08
N ALA A 4 -1.55 -16.98 14.18
CA ALA A 4 -0.73 -16.24 15.12
C ALA A 4 0.60 -15.78 14.52
N GLU A 5 1.01 -16.35 13.39
CA GLU A 5 2.26 -15.94 12.77
C GLU A 5 2.12 -14.62 12.03
N THR A 6 0.96 -14.38 11.42
CA THR A 6 0.78 -13.22 10.55
C THR A 6 0.20 -12.01 11.27
N THR A 7 0.27 -11.97 12.60
CA THR A 7 -0.19 -10.80 13.33
C THR A 7 0.79 -9.64 13.09
N LEU A 8 0.30 -8.42 13.37
CA LEU A 8 1.12 -7.22 13.16
C LEU A 8 2.38 -7.25 14.02
N ASP A 9 2.25 -7.70 15.27
CA ASP A 9 3.39 -7.72 16.17
C ASP A 9 4.48 -8.66 15.66
N SER A 10 4.08 -9.83 15.17
CA SER A 10 5.06 -10.75 14.59
C SER A 10 5.63 -10.21 13.28
N PHE A 11 4.81 -9.50 12.51
CA PHE A 11 5.28 -8.96 11.23
C PHE A 11 6.31 -7.86 11.45
N PHE A 12 6.19 -7.09 12.53
CA PHE A 12 7.04 -5.94 12.77
C PHE A 12 7.98 -6.11 13.96
N SER A 13 8.10 -7.33 14.49
CA SER A 13 9.08 -7.66 15.53
C SER A 13 10.45 -7.83 14.89
N ARG A 14 11.37 -8.50 15.60
CA ARG A 14 12.70 -8.81 15.07
C ARG A 14 13.52 -7.55 14.81
N ALA A 15 13.98 -6.92 15.90
CA ALA A 15 14.82 -5.73 15.83
C ALA A 15 15.81 -5.77 14.67
N GLY A 16 15.84 -4.69 13.91
CA GLY A 16 16.75 -4.56 12.78
C GLY A 16 17.66 -3.36 12.96
N LEU A 17 18.85 -3.44 12.37
CA LEU A 17 19.81 -2.35 12.46
C LEU A 17 19.30 -1.13 11.69
N VAL A 18 19.17 0.00 12.39
CA VAL A 18 18.66 1.20 11.78
C VAL A 18 19.77 2.17 11.37
N GLY A 19 20.72 2.45 12.25
CA GLY A 19 21.75 3.42 11.93
C GLY A 19 23.05 3.10 12.62
N GLU A 20 24.14 3.35 11.91
CA GLU A 20 25.49 3.16 12.42
C GLU A 20 26.13 4.53 12.60
N ILE A 21 26.87 4.70 13.69
CA ILE A 21 27.46 5.98 14.06
C ILE A 21 28.97 5.82 14.17
N ASP A 22 29.71 6.71 13.52
CA ASP A 22 31.16 6.69 13.55
C ASP A 22 31.70 7.88 14.33
N LEU A 23 32.62 7.60 15.25
CA LEU A 23 33.28 8.62 16.06
C LEU A 23 34.78 8.41 15.95
N PRO A 24 35.41 8.92 14.88
CA PRO A 24 36.85 8.72 14.69
C PRO A 24 37.69 9.77 15.41
N GLY A 33 33.90 15.13 18.14
CA GLY A 33 33.87 13.89 18.90
C GLY A 33 32.49 13.51 19.36
N TYR A 34 31.49 13.80 18.54
CA TYR A 34 30.10 13.52 18.85
C TYR A 34 29.34 13.44 17.52
N ALA A 35 28.14 12.90 17.57
CA ALA A 35 27.32 12.79 16.38
C ALA A 35 25.85 12.76 16.75
N ASN A 36 25.02 13.37 15.91
CA ASN A 36 23.57 13.35 16.07
C ASN A 36 22.97 12.37 15.08
N TRP A 37 21.97 11.63 15.52
CA TRP A 37 21.25 10.70 14.65
C TRP A 37 19.76 10.87 14.90
N ASP A 38 19.09 11.59 14.01
CA ASP A 38 17.64 11.74 14.10
C ASP A 38 16.98 10.38 13.94
N ILE A 39 16.01 10.09 14.81
CA ILE A 39 15.35 8.80 14.77
C ILE A 39 14.60 8.69 13.45
N ASP A 40 14.88 7.62 12.70
CA ASP A 40 14.18 7.36 11.44
C ASP A 40 14.12 5.86 11.25
N ILE A 41 12.90 5.32 11.22
CA ILE A 41 12.71 3.90 10.96
C ILE A 41 13.25 3.49 9.59
N THR A 42 13.12 4.37 8.59
CA THR A 42 13.60 4.10 7.25
C THR A 42 15.10 3.78 7.22
N GLY A 43 15.81 4.01 8.33
CA GLY A 43 17.23 3.64 8.37
C GLY A 43 17.45 2.18 8.07
N TYR A 44 16.57 1.32 8.57
CA TYR A 44 16.56 -0.07 8.14
C TYR A 44 16.17 -0.15 6.67
N ALA A 45 17.05 -0.74 5.86
CA ALA A 45 16.94 -0.60 4.42
C ALA A 45 15.66 -1.23 3.87
N GLN A 46 15.30 -2.41 4.37
CA GLN A 46 14.18 -3.16 3.81
C GLN A 46 12.87 -2.92 4.54
N MET A 47 12.83 -1.97 5.47
CA MET A 47 11.67 -1.78 6.32
C MET A 47 10.73 -0.69 5.84
N ARG A 48 11.20 0.20 4.97
CA ARG A 48 10.33 1.23 4.41
C ARG A 48 9.18 0.60 3.62
N ARG A 49 9.49 -0.30 2.69
CA ARG A 49 8.45 -0.93 1.90
C ARG A 49 7.48 -1.71 2.77
N LYS A 50 7.94 -2.18 3.92
CA LYS A 50 7.06 -2.92 4.83
C LYS A 50 6.13 -1.97 5.58
N VAL A 51 6.62 -0.79 5.96
CA VAL A 51 5.78 0.12 6.73
C VAL A 51 4.83 0.89 5.82
N GLU A 52 5.20 1.13 4.57
CA GLU A 52 4.32 1.87 3.67
C GLU A 52 3.08 1.09 3.29
N LEU A 53 3.01 -0.21 3.62
CA LEU A 53 1.85 -1.01 3.23
C LEU A 53 0.60 -0.58 3.99
N PHE A 54 0.76 0.11 5.11
CA PHE A 54 -0.35 0.79 5.77
C PHE A 54 -0.12 2.30 5.72
N THR A 55 -1.17 3.05 6.05
CA THR A 55 -1.12 4.51 6.03
C THR A 55 -0.89 5.10 7.41
N TYR A 56 -1.38 4.44 8.46
CA TYR A 56 -1.24 4.91 9.83
C TYR A 56 -0.58 3.83 10.68
N MET A 57 0.21 4.26 11.66
CA MET A 57 0.84 3.35 12.60
C MET A 57 0.88 3.96 13.98
N ARG A 58 0.97 3.10 14.98
CA ARG A 58 1.07 3.52 16.38
C ARG A 58 1.85 2.46 17.13
N PHE A 59 3.12 2.75 17.45
CA PHE A 59 3.97 1.73 18.04
C PHE A 59 4.98 2.37 18.99
N ASP A 60 5.50 1.54 19.89
CA ASP A 60 6.56 1.92 20.81
C ASP A 60 7.85 1.22 20.38
N ALA A 61 8.98 1.91 20.51
CA ALA A 61 10.25 1.43 20.00
C ALA A 61 11.22 1.12 21.13
N GLU A 62 12.02 0.08 20.94
CA GLU A 62 13.10 -0.29 21.85
C GLU A 62 14.40 -0.13 21.07
N PHE A 63 15.35 0.62 21.64
CA PHE A 63 16.61 0.88 20.96
C PHE A 63 17.75 0.23 21.73
N THR A 64 18.68 -0.37 21.01
CA THR A 64 19.83 -1.04 21.58
C THR A 64 21.09 -0.48 20.93
N PHE A 65 22.08 -0.11 21.75
CA PHE A 65 23.28 0.54 21.27
C PHE A 65 24.48 -0.36 21.50
N VAL A 66 25.04 -0.89 20.42
CA VAL A 66 26.17 -1.80 20.48
C VAL A 66 27.40 -1.08 19.94
N ALA A 67 28.26 -0.61 20.83
CA ALA A 67 29.40 0.22 20.48
C ALA A 67 30.68 -0.59 20.54
N CYS A 68 31.58 -0.35 19.59
CA CYS A 68 32.86 -1.03 19.53
C CYS A 68 33.75 -0.28 18.54
N THR A 69 35.01 -0.68 18.51
CA THR A 69 35.97 -0.09 17.59
C THR A 69 35.68 -0.57 16.17
N PRO A 70 36.29 0.08 15.16
CA PRO A 70 36.11 -0.41 13.79
C PRO A 70 36.56 -1.84 13.59
N THR A 71 37.47 -2.35 14.42
CA THR A 71 37.86 -3.75 14.34
C THR A 71 37.01 -4.65 15.22
N GLY A 72 35.97 -4.12 15.86
CA GLY A 72 35.10 -4.92 16.69
C GLY A 72 35.62 -5.17 18.09
N GLU A 73 36.75 -4.58 18.46
CA GLU A 73 37.40 -4.85 19.73
C GLU A 73 36.78 -3.95 20.80
N VAL A 74 36.71 -4.45 22.04
CA VAL A 74 36.02 -3.73 23.11
C VAL A 74 37.03 -3.00 23.98
N VAL A 75 36.81 -1.70 24.19
CA VAL A 75 37.77 -0.83 24.86
C VAL A 75 37.12 -0.27 26.12
N PRO A 76 37.93 0.11 27.13
CA PRO A 76 37.35 0.65 28.35
C PRO A 76 37.13 2.16 28.32
N GLN A 77 36.02 2.54 27.68
CA GLN A 77 35.67 3.93 27.47
C GLN A 77 34.24 4.16 27.95
N LEU A 78 33.96 5.37 28.43
CA LEU A 78 32.64 5.75 28.87
C LEU A 78 31.95 6.53 27.75
N LEU A 79 30.68 6.22 27.50
CA LEU A 79 29.90 6.87 26.46
C LEU A 79 28.62 7.44 27.04
N GLN A 80 28.13 8.50 26.41
CA GLN A 80 26.84 9.09 26.73
C GLN A 80 26.00 9.16 25.48
N TYR A 81 24.86 8.49 25.49
CA TYR A 81 23.82 8.68 24.48
C TYR A 81 22.67 9.42 25.16
N MET A 82 22.35 10.60 24.66
CA MET A 82 21.21 11.36 25.16
C MET A 82 20.12 11.40 24.10
N PHE A 83 18.88 11.28 24.53
CA PHE A 83 17.71 11.36 23.66
C PHE A 83 17.05 12.71 23.88
N VAL A 84 17.03 13.53 22.84
CA VAL A 84 16.33 14.81 22.93
C VAL A 84 14.92 14.61 22.36
N PRO A 85 13.88 14.86 23.14
CA PRO A 85 12.52 14.68 22.65
C PRO A 85 12.20 15.71 21.59
N PRO A 86 11.14 15.50 20.80
CA PRO A 86 10.81 16.45 19.73
C PRO A 86 10.60 17.87 20.26
N GLY A 87 11.13 18.85 19.54
CA GLY A 87 11.06 20.23 19.92
C GLY A 87 12.25 20.75 20.69
N ALA A 88 13.09 19.88 21.20
CA ALA A 88 14.27 20.35 21.92
C ALA A 88 15.41 20.67 20.95
N PRO A 89 16.26 21.63 21.29
CA PRO A 89 17.39 21.96 20.41
C PRO A 89 18.48 20.89 20.46
N LYS A 90 19.26 20.79 19.39
CA LYS A 90 20.33 19.80 19.29
C LYS A 90 21.65 20.40 19.76
N PRO A 91 22.55 19.56 20.28
CA PRO A 91 23.90 20.04 20.58
C PRO A 91 24.64 20.43 19.32
N ASP A 92 25.39 21.53 19.42
CA ASP A 92 26.16 22.06 18.29
C ASP A 92 27.65 21.77 18.41
N SER A 93 28.13 21.48 19.61
CA SER A 93 29.54 21.13 19.82
C SER A 93 29.64 20.19 21.01
N ARG A 94 30.87 19.86 21.37
CA ARG A 94 31.11 18.88 22.42
C ARG A 94 30.95 19.49 23.82
N GLU A 95 30.81 20.81 23.92
CA GLU A 95 30.69 21.48 25.20
C GLU A 95 29.43 22.31 25.30
N SER A 96 28.44 22.00 24.46
CA SER A 96 27.19 22.75 24.47
C SER A 96 26.42 22.49 25.75
N LEU A 97 25.62 23.48 26.17
CA LEU A 97 24.85 23.34 27.39
C LEU A 97 23.69 22.36 27.25
N ALA A 98 23.41 21.91 26.03
CA ALA A 98 22.35 20.92 25.84
C ALA A 98 22.71 19.57 26.44
N TRP A 99 23.99 19.26 26.61
CA TRP A 99 24.38 17.97 27.15
C TRP A 99 23.99 17.81 28.61
N GLN A 100 24.14 18.86 29.42
CA GLN A 100 23.84 18.80 30.84
C GLN A 100 22.37 19.01 31.14
N THR A 101 21.54 19.26 30.14
CA THR A 101 20.11 19.47 30.36
C THR A 101 19.48 18.22 30.92
N ALA A 102 18.68 18.37 31.98
CA ALA A 102 18.05 17.24 32.62
C ALA A 102 16.89 16.69 31.79
N THR A 103 16.24 17.54 31.00
CA THR A 103 15.05 17.12 30.27
C THR A 103 15.37 16.28 29.05
N ASN A 104 16.64 16.18 28.67
CA ASN A 104 17.07 15.25 27.65
C ASN A 104 17.63 14.02 28.35
N PRO A 105 16.87 12.92 28.45
CA PRO A 105 17.37 11.76 29.18
C PRO A 105 18.65 11.22 28.56
N SER A 106 19.55 10.77 29.44
CA SER A 106 20.85 10.26 29.02
C SER A 106 21.03 8.86 29.61
N VAL A 107 21.99 8.13 29.05
CA VAL A 107 22.44 6.87 29.62
C VAL A 107 23.97 6.86 29.58
N PHE A 108 24.58 6.55 30.71
CA PHE A 108 26.03 6.42 30.82
C PHE A 108 26.32 4.93 30.94
N VAL A 109 27.08 4.41 29.97
CA VAL A 109 27.40 2.99 29.92
C VAL A 109 28.85 2.86 29.45
N LYS A 110 29.56 1.88 30.01
CA LYS A 110 30.87 1.53 29.50
C LYS A 110 30.72 0.55 28.33
N LEU A 111 31.77 0.47 27.52
CA LEU A 111 31.73 -0.45 26.39
C LEU A 111 31.85 -1.90 26.85
N SER A 112 32.32 -2.13 28.07
CA SER A 112 32.41 -3.49 28.60
C SER A 112 31.04 -4.01 29.02
N ASP A 113 30.17 -3.16 29.53
CA ASP A 113 28.87 -3.58 29.98
C ASP A 113 28.00 -3.96 28.79
N PRO A 114 26.98 -4.80 29.00
CA PRO A 114 26.10 -5.19 27.90
C PRO A 114 25.45 -3.98 27.26
N PRO A 115 25.07 -4.08 25.99
CA PRO A 115 24.57 -2.90 25.27
C PRO A 115 23.38 -2.26 25.95
N ALA A 116 23.35 -0.93 25.93
CA ALA A 116 22.26 -0.18 26.53
C ALA A 116 20.96 -0.46 25.78
N GLN A 117 19.87 -0.54 26.52
CA GLN A 117 18.57 -0.86 25.95
C GLN A 117 17.52 0.04 26.57
N VAL A 118 17.02 1.01 25.78
CA VAL A 118 16.06 2.00 26.24
C VAL A 118 14.81 1.90 25.39
N SER A 119 13.69 2.34 25.97
CA SER A 119 12.39 2.28 25.33
C SER A 119 11.85 3.70 25.13
N VAL A 120 11.33 3.96 23.94
CA VAL A 120 10.78 5.28 23.61
C VAL A 120 9.31 5.10 23.23
N PRO A 121 8.39 5.79 23.89
CA PRO A 121 6.96 5.61 23.62
C PRO A 121 6.52 6.39 22.39
N PHE A 122 5.21 6.40 22.17
CA PHE A 122 4.59 7.08 21.04
C PHE A 122 4.70 8.58 21.24
N MET A 123 5.44 9.24 20.33
CA MET A 123 5.79 10.66 20.52
C MET A 123 4.87 11.60 19.77
N SER A 124 4.20 11.13 18.72
CA SER A 124 3.46 12.03 17.85
C SER A 124 2.29 12.66 18.60
N PRO A 125 2.06 13.97 18.42
CA PRO A 125 0.86 14.58 19.02
C PRO A 125 -0.44 14.05 18.45
N ALA A 126 -0.43 13.48 17.25
CA ALA A 126 -1.62 12.91 16.65
C ALA A 126 -1.89 11.54 17.27
N SER A 127 -2.85 10.82 16.70
CA SER A 127 -3.19 9.49 17.19
C SER A 127 -2.52 8.37 16.42
N ALA A 128 -1.67 8.69 15.44
CA ALA A 128 -0.99 7.66 14.65
C ALA A 128 0.12 8.31 13.85
N TYR A 129 1.15 7.51 13.58
CA TYR A 129 2.22 7.91 12.66
C TYR A 129 1.73 7.74 11.24
N GLN A 130 1.72 8.81 10.46
CA GLN A 130 1.20 8.77 9.11
C GLN A 130 2.35 8.95 8.12
N TRP A 131 2.48 8.02 7.18
CA TRP A 131 3.62 8.00 6.29
C TRP A 131 3.41 8.80 5.01
N PHE A 132 2.17 9.19 4.72
CA PHE A 132 1.84 9.98 3.54
C PHE A 132 0.98 11.17 3.95
N TYR A 133 1.48 12.37 3.70
CA TYR A 133 0.71 13.60 3.92
C TYR A 133 0.32 14.16 2.56
N ASP A 134 -0.97 14.10 2.24
CA ASP A 134 -1.48 14.60 0.98
C ASP A 134 -1.86 16.07 1.11
N GLY A 135 -0.85 16.87 1.42
CA GLY A 135 -1.09 18.28 1.64
C GLY A 135 0.18 18.98 2.08
N TYR A 136 0.01 20.23 2.46
CA TYR A 136 1.10 21.12 2.85
C TYR A 136 0.97 21.46 4.33
N PRO A 137 2.10 21.70 5.02
CA PRO A 137 2.07 22.06 6.45
C PRO A 137 1.45 23.42 6.70
N GLU A 149 7.66 21.66 -0.28
CA GLU A 149 7.05 21.55 1.04
C GLU A 149 5.85 20.61 1.00
N TYR A 150 5.46 20.21 -0.20
CA TYR A 150 4.36 19.26 -0.35
C TYR A 150 4.78 17.89 0.18
N GLY A 151 3.86 17.24 0.89
CA GLY A 151 4.12 15.91 1.40
C GLY A 151 4.98 15.87 2.63
N ALA A 152 5.21 17.01 3.29
CA ALA A 152 6.02 17.06 4.49
C ALA A 152 5.14 16.74 5.68
N MET A 153 5.14 15.48 6.10
CA MET A 153 4.42 15.05 7.30
C MET A 153 5.04 15.73 8.51
N PRO A 154 4.37 16.72 9.10
CA PRO A 154 5.00 17.48 10.19
C PRO A 154 5.15 16.70 11.49
N ASN A 155 4.06 16.11 11.98
CA ASN A 155 4.09 15.44 13.29
C ASN A 155 4.38 13.94 13.16
N ASN A 156 5.49 13.62 12.52
CA ASN A 156 6.03 12.26 12.48
C ASN A 156 7.41 12.15 13.10
N MET A 157 7.84 13.18 13.82
CA MET A 157 9.21 13.25 14.30
C MET A 157 9.27 12.61 15.68
N MET A 158 10.07 11.55 15.81
CA MET A 158 10.18 10.81 17.06
C MET A 158 11.12 11.43 18.07
N GLY A 159 12.12 12.17 17.63
CA GLY A 159 13.13 12.70 18.52
C GLY A 159 14.48 12.62 17.87
N THR A 160 15.51 12.49 18.69
CA THR A 160 16.88 12.45 18.19
C THR A 160 17.74 11.79 19.25
N PHE A 161 18.72 11.02 18.80
CA PHE A 161 19.70 10.40 19.68
C PHE A 161 21.05 11.04 19.39
N SER A 162 21.69 11.55 20.43
CA SER A 162 23.01 12.16 20.32
C SER A 162 23.99 11.34 21.11
N VAL A 163 25.16 11.07 20.53
CA VAL A 163 26.16 10.21 21.12
C VAL A 163 27.45 11.00 21.27
N ARG A 164 28.06 10.92 22.45
CA ARG A 164 29.36 11.54 22.66
C ARG A 164 30.10 10.74 23.73
N THR A 165 31.42 10.86 23.73
CA THR A 165 32.23 10.18 24.74
C THR A 165 32.33 11.08 25.97
N VAL A 166 32.03 10.52 27.14
CA VAL A 166 32.08 11.30 28.37
C VAL A 166 33.51 11.71 28.66
N GLY A 167 33.71 13.00 28.92
CA GLY A 167 35.05 13.52 29.12
C GLY A 167 35.24 14.85 28.42
N THR A 168 36.29 15.58 28.81
CA THR A 168 36.55 16.88 28.19
C THR A 168 37.59 16.77 27.09
N SER A 169 38.60 15.94 27.27
CA SER A 169 39.65 15.79 26.26
C SER A 169 39.21 14.82 25.17
N LYS A 170 40.05 14.71 24.15
CA LYS A 170 39.76 13.82 23.03
C LYS A 170 39.95 12.37 23.44
N SER A 171 39.06 11.51 22.94
CA SER A 171 39.08 10.10 23.29
C SER A 171 40.28 9.41 22.65
N LYS A 172 40.69 8.29 23.27
CA LYS A 172 41.88 7.57 22.85
C LYS A 172 41.61 6.49 21.81
N TYR A 173 40.35 6.16 21.55
CA TYR A 173 40.02 5.09 20.62
C TYR A 173 38.97 5.55 19.62
N PRO A 174 39.01 5.03 18.40
CA PRO A 174 37.91 5.26 17.44
C PRO A 174 36.77 4.30 17.74
N LEU A 175 35.54 4.82 17.68
CA LEU A 175 34.36 4.07 18.06
C LEU A 175 33.38 3.99 16.91
N VAL A 176 32.67 2.86 16.85
CA VAL A 176 31.55 2.65 15.95
C VAL A 176 30.36 2.24 16.80
N VAL A 177 29.24 2.93 16.65
CA VAL A 177 28.04 2.68 17.44
C VAL A 177 26.95 2.21 16.50
N ARG A 178 26.37 1.06 16.81
CA ARG A 178 25.29 0.48 16.03
C ARG A 178 23.99 0.56 16.84
N ILE A 179 22.90 0.89 16.17
CA ILE A 179 21.61 1.07 16.80
C ILE A 179 20.66 0.02 16.25
N TYR A 180 20.02 -0.74 17.13
CA TYR A 180 19.03 -1.74 16.76
C TYR A 180 17.70 -1.34 17.37
N MET A 181 16.68 -1.25 16.54
CA MET A 181 15.37 -0.78 16.95
C MET A 181 14.34 -1.87 16.72
N ARG A 182 13.50 -2.11 17.72
CA ARG A 182 12.40 -3.06 17.60
C ARG A 182 11.11 -2.38 18.04
N MET A 183 10.07 -2.49 17.22
CA MET A 183 8.76 -1.95 17.55
C MET A 183 7.98 -2.99 18.33
N LYS A 184 7.34 -2.56 19.41
CA LYS A 184 6.36 -3.39 20.10
C LYS A 184 5.01 -2.69 20.05
N HIS A 185 3.95 -3.47 20.22
CA HIS A 185 2.59 -2.94 20.28
C HIS A 185 2.25 -2.14 19.02
N VAL A 186 2.39 -2.79 17.87
CA VAL A 186 2.18 -2.17 16.58
C VAL A 186 0.70 -2.23 16.26
N ARG A 187 0.13 -1.09 15.86
CA ARG A 187 -1.23 -1.01 15.35
C ARG A 187 -1.19 -0.33 13.99
N ALA A 188 -2.04 -0.78 13.08
CA ALA A 188 -2.02 -0.30 11.70
C ALA A 188 -3.43 0.00 11.23
N TRP A 189 -3.52 0.85 10.20
CA TRP A 189 -4.79 1.27 9.63
C TRP A 189 -4.61 1.52 8.14
N ILE A 190 -5.72 1.43 7.42
CA ILE A 190 -5.83 1.83 6.01
C ILE A 190 -4.75 1.16 5.16
N PRO A 191 -4.88 -0.13 4.86
CA PRO A 191 -3.89 -0.80 4.01
C PRO A 191 -3.91 -0.21 2.61
N ARG A 192 -2.75 -0.27 1.95
CA ARG A 192 -2.62 0.29 0.61
C ARG A 192 -1.67 -0.54 -0.24
N PRO A 193 -1.70 -0.39 -1.57
CA PRO A 193 -0.80 -1.18 -2.42
C PRO A 193 0.66 -0.97 -2.08
N MET A 194 1.44 -2.04 -2.20
CA MET A 194 2.86 -2.00 -1.84
C MET A 194 3.70 -1.45 -2.97
N ARG A 195 4.77 -0.76 -2.60
CA ARG A 195 5.63 -0.10 -3.57
C ARG A 195 6.28 -1.14 -4.49
N ASN A 196 6.37 -0.80 -5.78
CA ASN A 196 7.01 -1.69 -6.74
C ASN A 196 8.20 -1.05 -7.42
N GLN A 197 8.25 0.28 -7.43
CA GLN A 197 9.37 0.97 -8.05
C GLN A 197 10.46 1.24 -7.03
N ASN A 198 11.67 1.45 -7.54
CA ASN A 198 12.81 1.74 -6.68
C ASN A 198 12.67 3.11 -6.03
N TYR A 199 13.03 3.18 -4.76
CA TYR A 199 12.96 4.43 -4.01
C TYR A 199 14.09 5.36 -4.43
N LEU A 200 13.80 6.67 -4.42
CA LEU A 200 14.76 7.69 -4.80
C LEU A 200 15.09 8.65 -3.69
N PHE A 201 14.10 9.08 -2.92
CA PHE A 201 14.29 10.05 -1.85
C PHE A 201 13.58 9.56 -0.60
N LYS A 202 14.09 10.01 0.55
CA LYS A 202 13.61 9.49 1.82
C LYS A 202 12.25 10.06 2.20
N ALA A 203 11.90 11.22 1.65
CA ALA A 203 10.69 11.92 2.05
C ALA A 203 9.56 11.81 1.04
N ASN A 204 9.84 12.10 -0.24
CA ASN A 204 8.71 12.01 -1.15
C ASN A 204 8.80 10.75 -2.01
N PRO A 205 7.67 10.23 -2.50
CA PRO A 205 7.66 8.90 -3.11
C PRO A 205 7.94 8.85 -4.60
N ASN A 206 8.54 9.89 -5.18
CA ASN A 206 8.71 9.94 -6.62
C ASN A 206 9.62 8.81 -7.11
N TYR A 207 9.49 8.47 -8.38
CA TYR A 207 10.22 7.40 -9.02
C TYR A 207 11.00 7.93 -10.21
N ALA A 208 11.56 7.03 -11.01
CA ALA A 208 12.20 7.37 -12.27
C ALA A 208 11.24 7.02 -13.40
N GLY A 209 10.67 8.03 -14.04
CA GLY A 209 9.65 7.80 -15.04
C GLY A 209 10.17 7.11 -16.29
N ASN A 210 11.35 7.50 -16.76
CA ASN A 210 11.89 6.89 -17.97
C ASN A 210 12.25 5.43 -17.75
N SER A 211 12.84 5.11 -16.60
CA SER A 211 13.22 3.74 -16.28
C SER A 211 12.15 3.11 -15.39
N ILE A 212 10.95 2.98 -15.98
CA ILE A 212 9.82 2.36 -15.31
C ILE A 212 9.84 0.87 -15.64
N LYS A 213 9.54 0.03 -14.66
CA LYS A 213 9.67 -1.41 -14.81
C LYS A 213 8.40 -2.12 -14.39
N PRO A 214 8.14 -3.30 -14.95
CA PRO A 214 6.98 -4.08 -14.53
C PRO A 214 7.12 -4.58 -13.10
N THR A 215 6.00 -5.04 -12.54
CA THR A 215 6.00 -5.51 -11.17
C THR A 215 6.88 -6.75 -11.00
N GLY A 216 6.96 -7.59 -12.03
CA GLY A 216 7.69 -8.83 -11.93
C GLY A 216 8.37 -9.18 -13.24
N ALA A 217 8.69 -10.48 -13.36
CA ALA A 217 9.32 -10.99 -14.56
C ALA A 217 8.28 -11.21 -15.66
N SER A 218 8.78 -11.50 -16.86
CA SER A 218 7.95 -11.67 -18.04
C SER A 218 8.09 -13.09 -18.59
N ARG A 219 7.48 -13.33 -19.75
CA ARG A 219 7.67 -14.55 -20.51
C ARG A 219 7.50 -14.21 -21.99
N THR A 220 7.41 -15.25 -22.82
CA THR A 220 7.31 -15.04 -24.27
C THR A 220 5.89 -15.27 -24.78
N ALA A 221 5.09 -16.04 -24.05
CA ALA A 221 3.72 -16.31 -24.47
C ALA A 221 2.79 -16.40 -23.26
N ILE B 19 -24.39 -0.60 -2.81
CA ILE B 19 -23.45 0.36 -2.23
C ILE B 19 -22.26 -0.37 -1.61
N ILE B 20 -21.10 0.28 -1.65
CA ILE B 20 -19.93 -0.19 -0.94
C ILE B 20 -19.68 0.78 0.22
N VAL B 21 -19.80 0.30 1.45
CA VAL B 21 -19.46 1.11 2.61
C VAL B 21 -17.97 0.98 2.86
N GLY B 22 -17.23 2.07 2.67
CA GLY B 22 -15.80 2.04 2.84
C GLY B 22 -15.36 1.64 4.22
N TYR B 23 -14.60 0.55 4.32
CA TYR B 23 -14.04 0.07 5.58
C TYR B 23 -15.12 -0.35 6.58
N GLY B 24 -16.33 -0.57 6.11
CA GLY B 24 -17.39 -1.13 6.92
C GLY B 24 -18.00 -0.19 7.93
N GLU B 25 -17.68 1.11 7.87
CA GLU B 25 -18.18 2.08 8.83
C GLU B 25 -18.97 3.16 8.10
N TRP B 26 -20.18 3.43 8.57
CA TRP B 26 -20.92 4.56 8.04
C TRP B 26 -20.40 5.85 8.65
N PRO B 27 -20.23 6.91 7.86
CA PRO B 27 -19.78 8.19 8.42
C PRO B 27 -20.75 8.70 9.49
N SER B 28 -20.19 9.22 10.58
CA SER B 28 -20.96 9.68 11.72
C SER B 28 -20.56 11.11 12.07
N TYR B 29 -20.96 11.53 13.26
CA TYR B 29 -20.65 12.87 13.73
C TYR B 29 -19.54 12.84 14.79
N ASN B 49 -25.59 19.61 2.30
CA ASN B 49 -25.87 18.18 2.25
C ASN B 49 -26.76 17.82 1.07
N ARG B 50 -26.31 18.17 -0.14
CA ARG B 50 -27.03 17.86 -1.37
C ARG B 50 -26.05 17.31 -2.39
N PHE B 51 -26.60 16.85 -3.51
CA PHE B 51 -25.79 16.24 -4.55
C PHE B 51 -25.10 17.31 -5.39
N TYR B 52 -23.82 17.11 -5.68
CA TYR B 52 -23.04 18.00 -6.53
C TYR B 52 -22.61 17.21 -7.76
N THR B 53 -22.78 17.80 -8.94
CA THR B 53 -22.44 17.15 -10.19
C THR B 53 -21.24 17.87 -10.82
N LEU B 54 -20.14 17.14 -10.99
CA LEU B 54 -18.95 17.72 -11.59
C LEU B 54 -19.04 17.67 -13.12
N ASP B 55 -18.03 18.23 -13.77
CA ASP B 55 -17.96 18.18 -15.22
C ASP B 55 -17.80 16.75 -15.69
N THR B 56 -18.48 16.40 -16.77
CA THR B 56 -18.33 15.07 -17.35
C THR B 56 -16.94 14.91 -17.94
N LYS B 57 -16.38 13.72 -17.78
CA LYS B 57 -15.09 13.37 -18.37
C LYS B 57 -15.33 12.47 -19.57
N LEU B 58 -14.69 12.80 -20.69
CA LEU B 58 -14.89 12.08 -21.93
C LEU B 58 -13.88 10.95 -22.03
N TRP B 59 -14.35 9.73 -21.80
CA TRP B 59 -13.54 8.52 -21.89
C TRP B 59 -13.30 8.19 -23.35
N GLU B 60 -12.04 7.99 -23.73
CA GLU B 60 -11.68 7.76 -25.12
C GLU B 60 -10.80 6.53 -25.29
N LYS B 61 -10.30 6.31 -26.51
CA LYS B 61 -9.39 5.21 -26.74
C LYS B 61 -8.00 5.47 -26.18
N SER B 62 -7.60 6.73 -26.10
CA SER B 62 -6.29 7.10 -25.58
C SER B 62 -6.31 7.56 -24.14
N SER B 63 -7.46 7.48 -23.47
CA SER B 63 -7.54 7.94 -22.09
C SER B 63 -6.77 7.00 -21.17
N LYS B 64 -6.10 7.58 -20.17
CA LYS B 64 -5.30 6.84 -19.21
C LYS B 64 -5.97 6.75 -17.84
N GLY B 65 -6.62 7.81 -17.40
CA GLY B 65 -7.29 7.80 -16.12
C GLY B 65 -7.42 9.20 -15.57
N TRP B 66 -8.21 9.31 -14.50
CA TRP B 66 -8.46 10.59 -13.86
C TRP B 66 -8.49 10.40 -12.35
N TYR B 67 -8.16 11.46 -11.63
CA TYR B 67 -8.24 11.42 -10.18
C TYR B 67 -8.70 12.76 -9.63
N TRP B 68 -9.51 12.71 -8.59
CA TRP B 68 -10.03 13.89 -7.92
C TRP B 68 -9.61 13.85 -6.45
N LYS B 69 -9.19 15.01 -5.95
CA LYS B 69 -8.74 15.15 -4.57
C LYS B 69 -9.89 15.60 -3.71
N PHE B 70 -10.10 14.91 -2.60
CA PHE B 70 -11.22 15.23 -1.73
C PHE B 70 -10.73 15.73 -0.38
N PRO B 71 -11.37 16.76 0.19
CA PRO B 71 -12.54 17.49 -0.29
C PRO B 71 -12.18 18.69 -1.15
N ASP B 72 -10.95 18.74 -1.66
CA ASP B 72 -10.53 19.89 -2.47
C ASP B 72 -11.36 20.02 -3.75
N VAL B 73 -11.98 18.93 -4.20
CA VAL B 73 -12.83 18.99 -5.38
C VAL B 73 -14.07 19.84 -5.15
N LEU B 74 -14.53 19.98 -3.91
CA LEU B 74 -15.73 20.73 -3.60
C LEU B 74 -15.47 22.08 -2.94
N THR B 75 -14.20 22.41 -2.67
CA THR B 75 -13.90 23.67 -1.98
C THR B 75 -14.24 24.88 -2.84
N GLU B 76 -13.93 24.85 -4.12
CA GLU B 76 -14.05 26.04 -4.95
C GLU B 76 -15.50 26.31 -5.35
N THR B 77 -16.37 25.31 -5.27
CA THR B 77 -17.74 25.43 -5.76
C THR B 77 -18.76 25.13 -4.67
N GLY B 78 -19.82 25.93 -4.66
CA GLY B 78 -21.01 25.60 -3.90
C GLY B 78 -21.06 26.22 -2.52
N VAL B 79 -22.21 26.00 -1.86
CA VAL B 79 -22.40 26.43 -0.48
C VAL B 79 -21.49 25.64 0.45
N PHE B 80 -21.26 24.35 0.15
CA PHE B 80 -20.31 23.57 0.93
C PHE B 80 -18.92 24.19 0.87
N GLY B 81 -18.47 24.58 -0.32
CA GLY B 81 -17.16 25.19 -0.46
C GLY B 81 -17.09 26.60 0.07
N GLN B 82 -18.24 27.22 0.32
CA GLN B 82 -18.25 28.53 0.96
C GLN B 82 -17.90 28.42 2.44
N ASN B 83 -18.34 27.35 3.08
CA ASN B 83 -17.96 27.08 4.46
C ASN B 83 -16.51 26.65 4.58
N ALA B 84 -16.01 25.89 3.61
CA ALA B 84 -14.65 25.37 3.70
C ALA B 84 -13.62 26.50 3.69
N GLN B 85 -13.84 27.52 2.88
CA GLN B 85 -12.88 28.59 2.75
C GLN B 85 -13.00 29.66 3.82
N PHE B 86 -14.08 29.64 4.60
CA PHE B 86 -14.26 30.57 5.70
C PHE B 86 -14.34 29.89 7.05
N HIS B 87 -13.78 28.70 7.19
CA HIS B 87 -13.71 28.01 8.47
C HIS B 87 -12.30 27.46 8.67
N TYR B 88 -11.93 27.25 9.92
CA TYR B 88 -10.62 26.67 10.21
C TYR B 88 -10.66 25.15 10.07
N LEU B 89 -11.47 24.49 10.88
CA LEU B 89 -11.50 23.04 10.95
C LEU B 89 -12.69 22.49 10.18
N TYR B 90 -12.66 21.18 9.95
CA TYR B 90 -13.64 20.54 9.08
C TYR B 90 -13.55 19.03 9.25
N ARG B 91 -14.70 18.36 9.17
CA ARG B 91 -14.74 16.91 9.08
C ARG B 91 -16.04 16.52 8.36
N SER B 92 -15.96 15.49 7.53
CA SER B 92 -17.13 15.03 6.78
C SER B 92 -16.82 13.72 6.08
N GLY B 93 -17.85 12.88 5.96
CA GLY B 93 -17.82 11.76 5.05
C GLY B 93 -18.21 12.20 3.64
N PHE B 94 -18.38 11.21 2.77
CA PHE B 94 -18.77 11.49 1.40
C PHE B 94 -19.57 10.32 0.85
N CYS B 95 -20.35 10.59 -0.19
CA CYS B 95 -21.13 9.57 -0.88
C CYS B 95 -20.90 9.77 -2.37
N ILE B 96 -19.85 9.13 -2.89
CA ILE B 96 -19.45 9.28 -4.29
C ILE B 96 -20.25 8.31 -5.13
N HIS B 97 -20.86 8.82 -6.20
CA HIS B 97 -21.63 8.02 -7.14
C HIS B 97 -21.10 8.30 -8.54
N VAL B 98 -20.70 7.25 -9.24
CA VAL B 98 -20.11 7.35 -10.57
C VAL B 98 -21.02 6.62 -11.54
N GLN B 99 -21.31 7.27 -12.67
CA GLN B 99 -22.14 6.68 -13.72
C GLN B 99 -21.47 6.86 -15.07
N CYS B 100 -21.68 5.88 -15.95
CA CYS B 100 -21.22 5.95 -17.33
C CYS B 100 -22.39 5.70 -18.25
N ASN B 101 -22.55 6.55 -19.27
CA ASN B 101 -23.63 6.42 -20.23
C ASN B 101 -23.06 5.81 -21.50
N ALA B 102 -23.21 4.50 -21.63
CA ALA B 102 -22.74 3.75 -22.78
C ALA B 102 -23.83 2.83 -23.29
N SER B 103 -23.82 2.59 -24.60
CA SER B 103 -24.82 1.74 -25.23
C SER B 103 -24.40 0.27 -25.07
N LYS B 104 -25.08 -0.62 -25.79
CA LYS B 104 -24.75 -2.02 -25.76
C LYS B 104 -23.64 -2.39 -26.73
N PHE B 105 -23.24 -1.48 -27.60
CA PHE B 105 -22.19 -1.74 -28.58
C PHE B 105 -20.84 -1.14 -28.18
N HIS B 106 -20.73 -0.65 -26.94
CA HIS B 106 -19.45 -0.24 -26.39
C HIS B 106 -18.99 -1.24 -25.35
N GLN B 107 -17.68 -1.39 -25.21
CA GLN B 107 -17.11 -2.31 -24.24
C GLN B 107 -15.95 -1.65 -23.52
N GLY B 108 -15.73 -2.09 -22.29
CA GLY B 108 -14.68 -1.52 -21.45
C GLY B 108 -15.02 -1.76 -20.00
N ALA B 109 -14.02 -1.51 -19.16
CA ALA B 109 -14.18 -1.69 -17.72
C ALA B 109 -13.48 -0.55 -17.01
N LEU B 110 -14.12 -0.04 -15.95
CA LEU B 110 -13.59 1.04 -15.15
C LEU B 110 -13.44 0.59 -13.71
N LEU B 111 -12.31 0.91 -13.11
CA LEU B 111 -12.05 0.64 -11.70
C LEU B 111 -12.10 1.97 -10.96
N VAL B 112 -13.13 2.15 -10.13
CA VAL B 112 -13.27 3.34 -9.31
C VAL B 112 -12.93 2.95 -7.88
N ALA B 113 -12.03 3.72 -7.25
CA ALA B 113 -11.55 3.37 -5.92
C ALA B 113 -11.08 4.64 -5.22
N VAL B 114 -11.27 4.67 -3.90
CA VAL B 114 -10.82 5.76 -3.06
C VAL B 114 -9.52 5.34 -2.39
N LEU B 115 -8.53 6.22 -2.42
CA LEU B 115 -7.24 5.94 -1.80
C LEU B 115 -6.94 7.01 -0.76
N PRO B 116 -7.14 6.74 0.52
CA PRO B 116 -6.83 7.74 1.55
C PRO B 116 -5.37 8.16 1.49
N GLU B 117 -5.15 9.48 1.63
CA GLU B 117 -3.83 10.08 1.58
C GLU B 117 -3.08 9.67 0.31
N TYR B 118 -3.66 10.02 -0.83
CA TYR B 118 -3.08 9.68 -2.13
C TYR B 118 -2.08 10.76 -2.51
N VAL B 119 -0.80 10.50 -2.25
CA VAL B 119 0.27 11.46 -2.51
C VAL B 119 0.82 11.21 -3.90
N ILE B 120 1.10 12.28 -4.63
CA ILE B 120 1.56 12.19 -6.01
C ILE B 120 3.08 12.05 -6.02
N GLY B 121 3.59 11.22 -6.93
CA GLY B 121 5.01 11.10 -7.17
C GLY B 121 5.34 11.47 -8.60
N THR B 122 6.13 12.53 -8.76
CA THR B 122 6.50 13.05 -10.06
C THR B 122 7.66 12.23 -10.64
N VAL B 123 7.84 12.28 -11.96
CA VAL B 123 8.97 11.64 -12.62
C VAL B 123 10.30 12.06 -11.99
N HIS B 133 9.17 18.36 -7.10
CA HIS B 133 7.86 18.43 -6.45
C HIS B 133 6.77 18.68 -7.48
N PRO B 134 5.57 18.19 -7.21
CA PRO B 134 4.44 18.45 -8.12
C PRO B 134 4.04 19.91 -8.08
N PRO B 135 3.51 20.44 -9.18
CA PRO B 135 2.91 21.77 -9.15
C PRO B 135 1.59 21.76 -8.39
N TYR B 136 1.10 22.96 -8.10
CA TYR B 136 -0.16 23.11 -7.37
C TYR B 136 -1.34 22.55 -8.15
N LYS B 137 -1.39 22.80 -9.45
CA LYS B 137 -2.51 22.34 -10.26
C LYS B 137 -2.56 20.81 -10.31
N GLN B 138 -1.41 20.15 -10.35
CA GLN B 138 -1.36 18.70 -10.31
C GLN B 138 -1.64 18.15 -8.93
N THR B 139 -1.14 18.80 -7.88
CA THR B 139 -1.33 18.31 -6.52
C THR B 139 -2.79 18.39 -6.07
N GLN B 140 -3.41 19.55 -6.24
CA GLN B 140 -4.79 19.76 -5.83
C GLN B 140 -5.59 20.30 -7.01
N PRO B 141 -5.98 19.44 -7.94
CA PRO B 141 -6.83 19.89 -9.05
C PRO B 141 -8.26 20.08 -8.58
N GLY B 142 -8.91 21.09 -9.14
CA GLY B 142 -10.23 21.48 -8.68
C GLY B 142 -11.31 20.50 -9.08
N ALA B 143 -12.51 20.98 -9.35
CA ALA B 143 -13.57 20.08 -9.79
C ALA B 143 -13.41 19.81 -11.28
N ASP B 144 -12.18 19.49 -11.68
CA ASP B 144 -11.85 19.10 -13.03
C ASP B 144 -10.82 17.99 -13.10
N GLY B 145 -10.37 17.45 -11.96
CA GLY B 145 -9.49 16.31 -11.96
C GLY B 145 -8.16 16.59 -12.63
N PHE B 146 -7.44 15.50 -12.88
CA PHE B 146 -6.19 15.55 -13.62
C PHE B 146 -6.01 14.22 -14.34
N GLU B 147 -5.22 14.24 -15.41
CA GLU B 147 -4.98 13.04 -16.19
C GLU B 147 -3.71 12.36 -15.71
N LEU B 148 -3.79 11.06 -15.42
CA LEU B 148 -2.62 10.30 -15.05
C LEU B 148 -1.72 10.08 -16.26
N GLN B 149 -0.46 10.51 -16.14
CA GLN B 149 0.51 10.25 -17.19
C GLN B 149 1.05 8.83 -17.15
N HIS B 150 1.05 8.19 -15.98
CA HIS B 150 1.55 6.83 -15.81
C HIS B 150 0.55 6.06 -14.96
N PRO B 151 -0.55 5.61 -15.57
CA PRO B 151 -1.57 4.91 -14.77
C PRO B 151 -1.09 3.60 -14.18
N TYR B 152 -0.03 2.99 -14.73
CA TYR B 152 0.49 1.75 -14.18
C TYR B 152 1.00 1.94 -12.75
N VAL B 153 1.75 3.02 -12.51
CA VAL B 153 2.24 3.32 -11.16
C VAL B 153 1.35 4.31 -10.44
N LEU B 154 0.36 4.90 -11.11
CA LEU B 154 -0.65 5.77 -10.50
C LEU B 154 -0.05 7.06 -9.95
N ASP B 155 0.99 7.56 -10.58
CA ASP B 155 1.68 8.77 -10.14
C ASP B 155 2.14 8.69 -8.69
N ALA B 156 2.27 7.47 -8.15
CA ALA B 156 2.71 7.30 -6.77
C ALA B 156 3.66 6.13 -6.61
N GLY B 157 4.11 5.49 -7.69
CA GLY B 157 5.02 4.37 -7.58
C GLY B 157 4.39 3.12 -7.01
N ILE B 158 3.07 3.02 -7.02
CA ILE B 158 2.37 1.84 -6.51
C ILE B 158 1.62 1.19 -7.68
N PRO B 159 1.51 -0.14 -7.72
CA PRO B 159 0.88 -0.79 -8.87
C PRO B 159 -0.62 -0.56 -8.92
N ILE B 160 -1.12 -0.38 -10.14
CA ILE B 160 -2.57 -0.40 -10.37
C ILE B 160 -3.18 -1.75 -10.04
N SER B 161 -2.41 -2.83 -10.15
CA SER B 161 -2.97 -4.17 -9.99
C SER B 161 -3.48 -4.43 -8.58
N GLN B 162 -3.00 -3.68 -7.58
CA GLN B 162 -3.31 -3.95 -6.19
C GLN B 162 -4.32 -3.00 -5.58
N LEU B 163 -4.98 -2.15 -6.37
CA LEU B 163 -5.92 -1.18 -5.82
C LEU B 163 -7.14 -1.81 -5.17
N THR B 164 -7.38 -3.09 -5.41
CA THR B 164 -8.59 -3.71 -4.89
C THR B 164 -8.55 -3.87 -3.37
N VAL B 165 -7.42 -3.60 -2.73
CA VAL B 165 -7.33 -3.60 -1.28
C VAL B 165 -8.08 -2.42 -0.68
N CYS B 166 -8.41 -1.41 -1.48
CA CYS B 166 -9.10 -0.21 -1.09
C CYS B 166 -10.59 -0.32 -1.38
N PRO B 167 -11.43 0.51 -0.75
CA PRO B 167 -12.86 0.53 -1.11
C PRO B 167 -13.06 0.86 -2.57
N HIS B 168 -13.69 -0.05 -3.32
CA HIS B 168 -13.75 0.06 -4.77
C HIS B 168 -15.01 -0.59 -5.31
N GLN B 169 -15.25 -0.36 -6.59
CA GLN B 169 -16.29 -1.04 -7.36
C GLN B 169 -15.84 -1.12 -8.81
N TRP B 170 -16.38 -2.09 -9.54
CA TRP B 170 -16.07 -2.23 -10.95
C TRP B 170 -17.22 -1.69 -11.80
N ILE B 171 -16.87 -0.96 -12.85
CA ILE B 171 -17.82 -0.45 -13.82
C ILE B 171 -17.55 -1.22 -15.11
N ASN B 172 -18.32 -2.28 -15.34
CA ASN B 172 -18.22 -3.07 -16.56
C ASN B 172 -19.40 -2.71 -17.45
N LEU B 173 -19.11 -2.21 -18.65
CA LEU B 173 -20.14 -1.66 -19.52
C LEU B 173 -21.20 -2.68 -19.91
N ARG B 174 -20.89 -3.97 -19.88
CA ARG B 174 -21.89 -4.99 -20.18
C ARG B 174 -22.58 -5.53 -18.94
N THR B 175 -22.18 -5.09 -17.75
CA THR B 175 -22.77 -5.57 -16.50
C THR B 175 -23.55 -4.48 -15.79
N ASN B 176 -22.93 -3.32 -15.56
CA ASN B 176 -23.57 -2.23 -14.85
C ASN B 176 -22.92 -0.91 -15.25
N ASN B 177 -23.66 0.18 -15.04
CA ASN B 177 -23.18 1.51 -15.33
C ASN B 177 -23.06 2.39 -14.10
N CYS B 178 -23.32 1.86 -12.91
CA CYS B 178 -23.31 2.63 -11.67
C CYS B 178 -22.29 2.05 -10.70
N ALA B 179 -21.70 2.93 -9.90
CA ALA B 179 -20.77 2.54 -8.84
C ALA B 179 -20.81 3.61 -7.76
N THR B 180 -21.34 3.24 -6.59
CA THR B 180 -21.47 4.17 -5.47
C THR B 180 -20.65 3.66 -4.30
N ILE B 181 -19.85 4.55 -3.71
CA ILE B 181 -18.98 4.22 -2.59
C ILE B 181 -19.25 5.20 -1.46
N ILE B 182 -19.49 4.69 -0.26
CA ILE B 182 -19.70 5.49 0.93
C ILE B 182 -18.42 5.45 1.75
N VAL B 183 -17.72 6.58 1.82
CA VAL B 183 -16.47 6.69 2.54
C VAL B 183 -16.71 7.48 3.82
N PRO B 184 -16.19 7.05 4.95
CA PRO B 184 -16.30 7.85 6.18
C PRO B 184 -15.20 8.88 6.27
N TYR B 185 -15.10 9.57 7.41
CA TYR B 185 -13.96 10.45 7.64
C TYR B 185 -12.76 9.64 8.10
N ILE B 186 -11.64 9.79 7.40
CA ILE B 186 -10.41 9.08 7.71
C ILE B 186 -9.32 10.13 7.95
N ASN B 187 -8.79 10.15 9.17
CA ASN B 187 -7.70 11.05 9.52
C ASN B 187 -7.15 10.64 10.87
N ALA B 188 -5.95 11.12 11.18
CA ALA B 188 -5.35 10.87 12.49
C ALA B 188 -5.87 11.83 13.56
N LEU B 189 -6.51 12.92 13.16
CA LEU B 189 -7.09 13.90 14.06
C LEU B 189 -8.58 14.00 13.80
N PRO B 190 -9.38 14.40 14.80
CA PRO B 190 -10.82 14.50 14.57
C PRO B 190 -11.21 15.54 13.52
N PHE B 191 -10.43 16.61 13.38
CA PHE B 191 -10.72 17.67 12.43
C PHE B 191 -9.45 18.05 11.70
N ASP B 192 -9.60 18.60 10.50
CA ASP B 192 -8.44 18.97 9.70
C ASP B 192 -8.79 20.12 8.75
N SER B 193 -7.76 20.81 8.29
CA SER B 193 -7.94 21.92 7.36
C SER B 193 -8.35 21.42 5.99
N ALA B 194 -9.40 22.01 5.43
CA ALA B 194 -9.90 21.59 4.12
C ALA B 194 -9.11 22.20 2.96
N LEU B 195 -8.26 23.20 3.21
CA LEU B 195 -7.56 23.89 2.14
C LEU B 195 -6.13 23.41 1.94
N ASN B 196 -5.48 22.94 3.00
CA ASN B 196 -4.09 22.54 2.96
C ASN B 196 -3.89 21.04 3.03
N HIS B 197 -4.97 20.25 2.99
CA HIS B 197 -4.86 18.82 3.20
C HIS B 197 -6.03 18.12 2.51
N CYS B 198 -5.73 17.07 1.77
CA CYS B 198 -6.74 16.27 1.07
C CYS B 198 -6.83 14.91 1.73
N ASN B 199 -8.03 14.52 2.14
CA ASN B 199 -8.22 13.26 2.86
C ASN B 199 -7.91 12.07 1.97
N PHE B 200 -8.47 12.04 0.76
CA PHE B 200 -8.31 10.89 -0.13
C PHE B 200 -8.45 11.36 -1.56
N GLY B 201 -8.07 10.48 -2.48
CA GLY B 201 -8.17 10.77 -3.90
C GLY B 201 -8.95 9.72 -4.66
N LEU B 202 -10.01 10.13 -5.33
CA LEU B 202 -10.85 9.20 -6.09
C LEU B 202 -10.21 8.93 -7.45
N LEU B 203 -9.83 7.68 -7.67
CA LEU B 203 -9.15 7.26 -8.89
C LEU B 203 -10.12 6.49 -9.78
N VAL B 204 -10.20 6.90 -11.04
CA VAL B 204 -11.02 6.21 -12.04
C VAL B 204 -10.12 5.90 -13.23
N VAL B 205 -9.83 4.62 -13.42
CA VAL B 205 -8.83 4.21 -14.41
C VAL B 205 -9.42 3.18 -15.35
N PRO B 206 -9.29 3.35 -16.68
CA PRO B 206 -9.75 2.33 -17.63
C PRO B 206 -8.84 1.13 -17.65
N ILE B 207 -9.28 0.04 -17.02
CA ILE B 207 -8.48 -1.17 -16.97
C ILE B 207 -8.38 -1.80 -18.36
N SER B 208 -9.50 -1.82 -19.08
CA SER B 208 -9.54 -2.32 -20.44
C SER B 208 -9.97 -1.20 -21.36
N PRO B 209 -9.30 -0.99 -22.50
CA PRO B 209 -9.60 0.18 -23.31
C PRO B 209 -11.02 0.15 -23.86
N LEU B 210 -11.58 1.35 -24.03
CA LEU B 210 -12.88 1.47 -24.67
C LEU B 210 -12.78 1.05 -26.13
N ASP B 211 -13.73 0.24 -26.56
CA ASP B 211 -13.77 -0.25 -27.92
C ASP B 211 -15.18 -0.10 -28.48
N TYR B 212 -15.25 0.16 -29.77
CA TYR B 212 -16.51 0.46 -30.44
C TYR B 212 -16.28 0.34 -31.94
N ASP B 213 -17.37 0.23 -32.68
CA ASP B 213 -17.28 0.20 -34.13
C ASP B 213 -17.34 1.62 -34.70
N GLN B 214 -16.68 1.81 -35.83
CA GLN B 214 -16.64 3.12 -36.45
C GLN B 214 -18.04 3.53 -36.89
N GLY B 215 -18.51 4.66 -36.37
CA GLY B 215 -19.89 5.07 -36.56
C GLY B 215 -20.58 5.30 -35.23
N ALA B 216 -20.19 4.52 -34.23
CA ALA B 216 -20.69 4.72 -32.88
C ALA B 216 -20.02 5.95 -32.25
N THR B 217 -20.57 6.39 -31.13
CA THR B 217 -20.07 7.58 -30.48
C THR B 217 -18.70 7.30 -29.86
N PRO B 218 -17.65 8.04 -30.25
CA PRO B 218 -16.29 7.69 -29.80
C PRO B 218 -15.94 8.14 -28.40
N VAL B 219 -16.81 8.88 -27.71
CA VAL B 219 -16.53 9.39 -26.37
C VAL B 219 -17.64 8.94 -25.43
N ILE B 220 -17.26 8.39 -24.29
CA ILE B 220 -18.20 7.93 -23.29
C ILE B 220 -18.13 8.90 -22.10
N PRO B 221 -19.17 9.67 -21.83
CA PRO B 221 -19.12 10.61 -20.69
C PRO B 221 -19.17 9.86 -19.37
N ILE B 222 -18.42 10.37 -18.39
CA ILE B 222 -18.37 9.80 -17.05
C ILE B 222 -18.87 10.87 -16.10
N THR B 223 -19.91 10.55 -15.32
CA THR B 223 -20.54 11.49 -14.41
C THR B 223 -20.30 11.07 -12.97
N ILE B 224 -19.87 12.01 -12.14
CA ILE B 224 -19.63 11.77 -10.73
C ILE B 224 -20.49 12.73 -9.91
N THR B 225 -21.33 12.17 -9.05
CA THR B 225 -22.22 12.95 -8.20
C THR B 225 -21.90 12.64 -6.75
N LEU B 226 -21.45 13.67 -6.02
CA LEU B 226 -20.96 13.50 -4.67
C LEU B 226 -21.79 14.33 -3.71
N ALA B 227 -22.23 13.70 -2.62
CA ALA B 227 -23.08 14.33 -1.63
C ALA B 227 -22.39 14.26 -0.28
N PRO B 228 -21.96 15.38 0.30
CA PRO B 228 -21.34 15.34 1.63
C PRO B 228 -22.31 14.79 2.66
N MET B 229 -21.78 13.96 3.55
CA MET B 229 -22.59 13.29 4.56
C MET B 229 -21.95 13.49 5.93
N CYS B 230 -22.75 13.85 6.92
CA CYS B 230 -22.28 14.08 8.29
C CYS B 230 -21.15 15.09 8.32
N SER B 231 -21.37 16.22 7.65
CA SER B 231 -20.36 17.27 7.60
C SER B 231 -20.36 18.11 8.86
N GLU B 232 -19.17 18.56 9.25
CA GLU B 232 -19.02 19.43 10.41
C GLU B 232 -17.99 20.52 10.09
N PHE B 233 -18.19 21.67 10.73
CA PHE B 233 -17.32 22.82 10.53
C PHE B 233 -17.12 23.50 11.87
N ALA B 234 -16.03 24.25 11.98
CA ALA B 234 -15.72 24.98 13.20
C ALA B 234 -14.70 26.06 12.90
N GLY B 235 -14.63 27.07 13.77
CA GLY B 235 -13.68 28.15 13.63
C GLY B 235 -13.97 29.11 12.51
N LEU B 236 -15.10 29.82 12.60
CA LEU B 236 -15.50 30.76 11.57
C LEU B 236 -14.49 31.89 11.45
N ARG B 237 -13.76 31.92 10.34
CA ARG B 237 -12.78 32.98 10.10
C ARG B 237 -13.33 34.04 9.17
N GLY C 1 23.07 -12.27 50.62
CA GLY C 1 21.70 -12.08 50.20
C GLY C 1 21.13 -13.28 49.46
N PHE C 2 20.12 -13.03 48.64
CA PHE C 2 19.48 -14.11 47.88
C PHE C 2 20.49 -14.71 46.91
N PRO C 3 20.78 -16.01 46.99
CA PRO C 3 21.88 -16.55 46.20
C PRO C 3 21.43 -16.99 44.82
N THR C 4 22.08 -16.42 43.80
CA THR C 4 21.84 -16.78 42.41
C THR C 4 23.17 -16.89 41.69
N GLU C 5 23.16 -17.57 40.55
CA GLU C 5 24.32 -17.65 39.68
C GLU C 5 23.89 -17.36 38.25
N LEU C 6 24.79 -16.73 37.50
CA LEU C 6 24.51 -16.35 36.12
C LEU C 6 24.61 -17.57 35.23
N LYS C 7 23.47 -18.00 34.67
CA LYS C 7 23.45 -19.15 33.79
C LYS C 7 24.10 -18.78 32.46
N PRO C 8 24.59 -19.77 31.70
CA PRO C 8 25.18 -19.47 30.40
C PRO C 8 24.18 -18.82 29.47
N GLY C 9 24.65 -17.86 28.68
CA GLY C 9 23.78 -17.04 27.87
C GLY C 9 23.38 -15.71 28.48
N THR C 10 24.16 -15.19 29.43
CA THR C 10 23.93 -13.85 29.96
C THR C 10 24.82 -12.86 29.23
N ASN C 11 24.47 -11.58 29.35
CA ASN C 11 25.14 -10.46 28.71
C ASN C 11 25.16 -10.60 27.19
N GLN C 12 24.33 -11.46 26.61
CA GLN C 12 24.19 -11.55 25.17
C GLN C 12 23.01 -10.71 24.71
N PHE C 13 23.05 -10.28 23.46
CA PHE C 13 21.98 -9.50 22.87
C PHE C 13 21.39 -10.28 21.70
N LEU C 14 20.23 -10.88 21.92
CA LEU C 14 19.48 -11.57 20.88
C LEU C 14 18.50 -10.59 20.26
N THR C 15 18.66 -10.34 18.96
CA THR C 15 17.87 -9.31 18.30
C THR C 15 16.40 -9.66 18.22
N THR C 16 16.04 -10.91 18.53
CA THR C 16 14.66 -11.34 18.59
C THR C 16 14.10 -11.34 20.01
N ASP C 17 14.91 -10.99 21.00
CA ASP C 17 14.46 -11.05 22.39
C ASP C 17 13.40 -9.98 22.65
N ASP C 18 12.35 -10.35 23.38
CA ASP C 18 11.20 -9.48 23.59
C ASP C 18 11.12 -8.97 25.03
N GLY C 19 12.26 -8.93 25.72
CA GLY C 19 12.27 -8.47 27.09
C GLY C 19 11.89 -7.00 27.21
N VAL C 20 11.18 -6.69 28.29
CA VAL C 20 10.73 -5.32 28.52
C VAL C 20 11.89 -4.47 29.02
N SER C 21 12.04 -3.29 28.43
CA SER C 21 13.14 -2.40 28.75
C SER C 21 12.61 -1.16 29.45
N ALA C 22 13.53 -0.41 30.05
CA ALA C 22 13.19 0.76 30.86
C ALA C 22 12.71 1.91 29.98
N PRO C 23 11.56 2.53 30.29
CA PRO C 23 11.12 3.68 29.51
C PRO C 23 12.09 4.86 29.64
N ILE C 24 12.18 5.64 28.56
CA ILE C 24 13.06 6.82 28.59
C ILE C 24 12.32 8.01 29.17
N LEU C 25 10.99 8.01 29.12
CA LEU C 25 10.16 9.08 29.69
C LEU C 25 9.09 8.44 30.57
N PRO C 26 9.40 8.16 31.83
CA PRO C 26 8.41 7.51 32.71
C PRO C 26 7.15 8.33 32.91
N ASN C 27 7.26 9.66 32.95
CA ASN C 27 6.11 10.51 33.23
C ASN C 27 5.34 10.92 31.99
N PHE C 28 5.70 10.40 30.81
CA PHE C 28 5.03 10.78 29.59
C PHE C 28 3.74 9.99 29.41
N HIS C 29 2.69 10.68 28.98
CA HIS C 29 1.45 10.04 28.57
C HIS C 29 1.28 10.25 27.07
N PRO C 30 1.37 9.19 26.25
CA PRO C 30 1.09 9.34 24.83
C PRO C 30 -0.38 9.69 24.58
N THR C 31 -0.62 10.42 23.50
CA THR C 31 -1.96 10.89 23.20
C THR C 31 -2.89 9.69 23.00
N PRO C 32 -4.05 9.66 23.65
CA PRO C 32 -4.91 8.48 23.56
C PRO C 32 -5.34 8.21 22.13
N CYS C 33 -5.44 6.93 21.79
CA CYS C 33 -5.73 6.54 20.42
C CYS C 33 -7.22 6.66 20.14
N ILE C 34 -7.55 7.24 18.99
CA ILE C 34 -8.92 7.42 18.54
C ILE C 34 -9.26 6.30 17.57
N HIS C 35 -10.55 6.17 17.28
CA HIS C 35 -11.01 5.15 16.33
C HIS C 35 -10.82 5.67 14.91
N ILE C 36 -9.77 5.20 14.26
CA ILE C 36 -9.56 5.43 12.82
C ILE C 36 -10.22 4.27 12.08
N PRO C 37 -11.10 4.53 11.11
CA PRO C 37 -11.80 3.44 10.43
C PRO C 37 -10.82 2.56 9.66
N GLY C 38 -11.18 1.28 9.54
CA GLY C 38 -10.41 0.36 8.72
C GLY C 38 -9.14 -0.13 9.39
N GLU C 39 -9.27 -0.64 10.61
CA GLU C 39 -8.13 -1.17 11.34
C GLU C 39 -7.89 -2.63 10.97
N VAL C 40 -6.63 -2.95 10.69
CA VAL C 40 -6.22 -4.29 10.31
C VAL C 40 -5.40 -4.89 11.44
N ARG C 41 -5.73 -6.12 11.82
CA ARG C 41 -5.01 -6.82 12.88
C ARG C 41 -4.23 -8.03 12.38
N ASN C 42 -4.72 -8.69 11.33
CA ASN C 42 -4.06 -9.86 10.76
C ASN C 42 -3.86 -9.65 9.28
N LEU C 43 -2.68 -10.01 8.78
CA LEU C 43 -2.38 -9.83 7.37
C LEU C 43 -3.17 -10.79 6.49
N LEU C 44 -3.78 -11.82 7.07
CA LEU C 44 -4.60 -12.73 6.28
C LEU C 44 -5.82 -12.01 5.72
N GLU C 45 -6.32 -11.00 6.42
CA GLU C 45 -7.37 -10.16 5.88
C GLU C 45 -6.92 -9.47 4.60
N LEU C 46 -5.66 -9.00 4.57
CA LEU C 46 -5.13 -8.40 3.36
C LEU C 46 -4.77 -9.44 2.32
N CYS C 47 -4.67 -10.71 2.73
CA CYS C 47 -4.44 -11.77 1.77
C CYS C 47 -5.74 -12.26 1.14
N GLN C 48 -6.87 -12.04 1.80
CA GLN C 48 -8.17 -12.51 1.32
C GLN C 48 -8.90 -11.49 0.45
N VAL C 49 -8.20 -10.57 -0.17
CA VAL C 49 -8.82 -9.61 -1.07
C VAL C 49 -8.44 -9.94 -2.50
N GLU C 50 -9.42 -9.91 -3.40
CA GLU C 50 -9.17 -10.20 -4.79
C GLU C 50 -8.28 -9.13 -5.39
N THR C 51 -7.41 -9.52 -6.32
CA THR C 51 -6.39 -8.63 -6.84
C THR C 51 -6.04 -9.05 -8.25
N ILE C 52 -5.70 -8.07 -9.09
CA ILE C 52 -5.46 -8.33 -10.50
C ILE C 52 -4.23 -9.23 -10.68
N LEU C 53 -4.39 -10.28 -11.46
CA LEU C 53 -3.35 -11.25 -11.74
C LEU C 53 -2.89 -11.08 -13.18
N GLU C 54 -1.69 -10.54 -13.36
CA GLU C 54 -1.19 -10.25 -14.71
C GLU C 54 -0.83 -11.55 -15.42
N VAL C 55 -1.86 -12.21 -15.95
CA VAL C 55 -1.65 -13.40 -16.77
C VAL C 55 -0.89 -13.03 -18.03
N ASN C 56 -1.17 -11.87 -18.60
CA ASN C 56 -0.53 -11.45 -19.84
C ASN C 56 0.73 -10.65 -19.55
N ASN C 57 1.66 -11.31 -18.87
CA ASN C 57 2.94 -10.65 -18.58
C ASN C 57 3.95 -10.90 -19.69
N VAL C 58 3.53 -10.70 -20.93
CA VAL C 58 4.43 -10.76 -22.08
C VAL C 58 5.11 -9.41 -22.33
N PRO C 59 4.38 -8.30 -22.41
CA PRO C 59 5.05 -7.04 -22.78
C PRO C 59 5.80 -6.41 -21.62
N THR C 60 6.88 -5.71 -21.97
CA THR C 60 7.68 -4.97 -21.00
C THR C 60 7.86 -3.50 -21.39
N ASN C 61 7.29 -3.06 -22.50
CA ASN C 61 7.53 -1.71 -22.99
C ASN C 61 6.90 -0.68 -22.04
N ALA C 62 7.59 0.45 -21.88
CA ALA C 62 7.21 1.43 -20.87
C ALA C 62 5.83 2.02 -21.13
N THR C 63 5.51 2.31 -22.38
CA THR C 63 4.23 2.91 -22.74
C THR C 63 3.12 1.87 -22.87
N SER C 64 3.44 0.59 -22.71
CA SER C 64 2.42 -0.45 -22.82
C SER C 64 2.44 -1.42 -21.65
N LEU C 65 3.02 -1.04 -20.51
CA LEU C 65 2.89 -1.87 -19.31
C LEU C 65 1.43 -2.07 -18.89
N MET C 66 0.52 -1.18 -19.30
CA MET C 66 -0.87 -1.30 -18.89
C MET C 66 -1.61 -2.42 -19.61
N GLU C 67 -1.00 -3.01 -20.64
CA GLU C 67 -1.63 -4.10 -21.38
C GLU C 67 -1.48 -5.44 -20.69
N ARG C 68 -0.76 -5.51 -19.58
CA ARG C 68 -0.56 -6.77 -18.89
C ARG C 68 -1.70 -7.14 -17.95
N LEU C 69 -2.59 -6.19 -17.64
CA LEU C 69 -3.65 -6.45 -16.67
C LEU C 69 -4.73 -7.37 -17.21
N ARG C 70 -4.78 -7.58 -18.52
CA ARG C 70 -5.84 -8.37 -19.12
C ARG C 70 -5.32 -9.03 -20.39
N PHE C 71 -5.93 -10.15 -20.76
CA PHE C 71 -5.52 -10.89 -21.92
C PHE C 71 -6.66 -10.99 -22.93
N PRO C 72 -6.38 -10.83 -24.22
CA PRO C 72 -7.45 -10.73 -25.21
C PRO C 72 -8.09 -12.05 -25.57
N VAL C 73 -9.36 -11.98 -25.91
CA VAL C 73 -10.14 -13.09 -26.44
C VAL C 73 -10.83 -12.57 -27.69
N SER C 74 -10.52 -13.15 -28.85
CA SER C 74 -11.07 -12.65 -30.10
C SER C 74 -11.10 -13.74 -31.16
N ALA C 75 -11.69 -13.42 -32.30
CA ALA C 75 -11.75 -14.36 -33.42
C ALA C 75 -10.55 -14.17 -34.35
N LYS C 79 -11.52 -21.60 -31.94
CA LYS C 79 -12.20 -22.90 -31.94
C LYS C 79 -11.28 -24.01 -31.43
N GLY C 80 -11.42 -24.35 -30.16
CA GLY C 80 -10.62 -25.41 -29.57
C GLY C 80 -9.16 -25.06 -29.42
N GLU C 81 -8.86 -23.77 -29.36
CA GLU C 81 -7.49 -23.30 -29.24
C GLU C 81 -7.17 -22.97 -27.79
N LEU C 82 -5.91 -22.58 -27.56
CA LEU C 82 -5.44 -22.24 -26.23
C LEU C 82 -5.38 -20.72 -26.09
N CYS C 83 -6.05 -20.20 -25.05
CA CYS C 83 -6.08 -18.76 -24.81
C CYS C 83 -4.90 -18.33 -23.96
N ALA C 84 -4.80 -18.86 -22.74
CA ALA C 84 -3.71 -18.52 -21.84
C ALA C 84 -3.49 -19.67 -20.88
N VAL C 85 -2.31 -19.69 -20.26
CA VAL C 85 -1.95 -20.70 -19.28
C VAL C 85 -1.03 -20.07 -18.24
N PHE C 86 -1.29 -20.38 -16.98
CA PHE C 86 -0.44 -19.88 -15.90
C PHE C 86 -0.46 -20.89 -14.76
N ARG C 87 0.59 -20.81 -13.93
CA ARG C 87 0.79 -21.72 -12.82
C ARG C 87 0.08 -21.21 -11.58
N ALA C 88 -0.38 -22.15 -10.74
CA ALA C 88 -1.02 -21.80 -9.48
C ALA C 88 0.05 -21.72 -8.38
N ASP C 89 0.97 -20.78 -8.57
CA ASP C 89 2.14 -20.64 -7.69
C ASP C 89 2.22 -19.22 -7.17
N PRO C 90 1.57 -18.93 -6.04
CA PRO C 90 1.56 -17.55 -5.53
C PRO C 90 2.94 -16.97 -5.24
N GLY C 91 3.88 -17.77 -4.75
CA GLY C 91 5.13 -17.21 -4.28
C GLY C 91 6.25 -17.19 -5.30
N ARG C 92 6.22 -18.11 -6.26
CA ARG C 92 7.28 -18.19 -7.24
C ARG C 92 7.12 -17.08 -8.29
N ASN C 93 8.19 -16.87 -9.05
CA ASN C 93 8.20 -15.81 -10.05
C ASN C 93 7.16 -16.09 -11.14
N GLY C 94 6.49 -15.03 -11.59
CA GLY C 94 5.51 -15.15 -12.63
C GLY C 94 4.36 -14.19 -12.47
N PRO C 95 3.19 -14.56 -13.01
CA PRO C 95 2.03 -13.67 -12.93
C PRO C 95 1.58 -13.36 -11.51
N TRP C 96 1.81 -14.26 -10.56
CA TRP C 96 1.34 -14.05 -9.21
C TRP C 96 2.12 -12.99 -8.45
N GLN C 97 3.18 -12.44 -9.04
CA GLN C 97 3.90 -11.36 -8.38
C GLN C 97 3.04 -10.11 -8.22
N SER C 98 2.06 -9.91 -9.09
CA SER C 98 1.31 -8.67 -9.11
C SER C 98 0.30 -8.60 -7.96
N THR C 99 -0.30 -9.73 -7.60
CA THR C 99 -1.32 -9.72 -6.57
C THR C 99 -0.69 -9.51 -5.19
N LEU C 100 -1.49 -9.00 -4.27
CA LEU C 100 -0.99 -8.74 -2.93
C LEU C 100 -0.69 -10.03 -2.18
N LEU C 101 -1.45 -11.09 -2.46
CA LEU C 101 -1.12 -12.40 -1.90
C LEU C 101 0.25 -12.86 -2.37
N GLY C 102 0.53 -12.71 -3.66
CA GLY C 102 1.82 -13.14 -4.18
C GLY C 102 2.96 -12.23 -3.78
N GLN C 103 2.66 -10.99 -3.41
CA GLN C 103 3.72 -10.14 -2.86
C GLN C 103 3.98 -10.44 -1.40
N LEU C 104 2.94 -10.76 -0.62
CA LEU C 104 3.15 -11.12 0.78
C LEU C 104 3.77 -12.50 0.93
N CYS C 105 3.57 -13.37 -0.07
CA CYS C 105 4.25 -14.66 -0.04
C CYS C 105 5.76 -14.50 -0.10
N GLY C 106 6.26 -13.38 -0.62
CA GLY C 106 7.68 -13.14 -0.65
C GLY C 106 8.25 -12.75 0.70
N TYR C 107 7.40 -12.41 1.66
CA TYR C 107 7.84 -12.09 3.01
C TYR C 107 7.81 -13.30 3.93
N TYR C 108 7.40 -14.46 3.44
CA TYR C 108 7.32 -15.66 4.24
C TYR C 108 7.95 -16.81 3.47
N THR C 109 8.22 -17.91 4.19
CA THR C 109 8.90 -19.04 3.60
C THR C 109 7.94 -20.16 3.22
N GLN C 110 6.90 -20.38 4.03
CA GLN C 110 5.98 -21.49 3.84
C GLN C 110 4.55 -20.99 3.85
N TRP C 111 3.73 -21.50 2.93
CA TRP C 111 2.32 -21.16 2.86
C TRP C 111 1.56 -22.38 2.32
N SER C 112 0.29 -22.45 2.69
CA SER C 112 -0.53 -23.60 2.31
C SER C 112 -2.01 -23.24 2.44
N GLY C 113 -2.80 -23.66 1.48
CA GLY C 113 -4.23 -23.43 1.53
C GLY C 113 -4.84 -23.43 0.15
N SER C 114 -6.08 -22.94 0.10
CA SER C 114 -6.86 -22.92 -1.13
C SER C 114 -6.92 -21.51 -1.71
N LEU C 115 -6.73 -21.42 -3.02
CA LEU C 115 -6.82 -20.17 -3.75
C LEU C 115 -8.24 -19.99 -4.29
N GLU C 116 -8.46 -18.87 -4.96
CA GLU C 116 -9.75 -18.60 -5.59
C GLU C 116 -9.49 -17.55 -6.67
N VAL C 117 -9.50 -17.97 -7.92
CA VAL C 117 -9.19 -17.09 -9.05
C VAL C 117 -10.46 -16.90 -9.86
N THR C 118 -10.90 -15.65 -9.97
CA THR C 118 -12.08 -15.30 -10.73
C THR C 118 -11.68 -14.57 -12.01
N PHE C 119 -12.49 -14.71 -13.05
CA PHE C 119 -12.28 -14.05 -14.32
C PHE C 119 -13.44 -13.11 -14.59
N MET C 120 -13.18 -12.01 -15.27
CA MET C 120 -14.20 -11.04 -15.63
C MET C 120 -14.11 -10.75 -17.12
N PHE C 121 -15.23 -10.93 -17.82
CA PHE C 121 -15.31 -10.70 -19.25
C PHE C 121 -15.72 -9.26 -19.51
N THR C 122 -15.01 -8.62 -20.44
CA THR C 122 -15.14 -7.18 -20.70
C THR C 122 -15.41 -6.98 -22.19
N GLY C 123 -16.45 -7.65 -22.68
CA GLY C 123 -16.87 -7.50 -24.06
C GLY C 123 -18.22 -6.80 -24.15
N SER C 124 -18.66 -6.61 -25.39
CA SER C 124 -19.94 -5.97 -25.63
C SER C 124 -21.07 -6.82 -25.05
N PHE C 125 -22.16 -6.16 -24.67
CA PHE C 125 -23.29 -6.86 -24.09
C PHE C 125 -23.89 -7.86 -25.07
N MET C 126 -23.81 -7.57 -26.37
CA MET C 126 -24.36 -8.46 -27.38
C MET C 126 -23.38 -9.55 -27.79
N ALA C 127 -22.17 -9.57 -27.24
CA ALA C 127 -21.20 -10.59 -27.58
C ALA C 127 -21.45 -11.86 -26.78
N THR C 128 -21.33 -13.00 -27.45
CA THR C 128 -21.61 -14.31 -26.87
C THR C 128 -20.47 -15.26 -27.20
N GLY C 129 -20.43 -16.39 -26.49
CA GLY C 129 -19.41 -17.39 -26.71
C GLY C 129 -19.20 -18.26 -25.48
N LYS C 130 -18.32 -19.26 -25.60
CA LYS C 130 -18.00 -20.15 -24.50
C LYS C 130 -16.49 -20.32 -24.41
N MET C 131 -16.02 -20.59 -23.19
CA MET C 131 -14.59 -20.75 -22.97
C MET C 131 -14.40 -21.80 -21.87
N LEU C 132 -13.36 -22.60 -21.98
CA LEU C 132 -13.11 -23.71 -21.06
C LEU C 132 -11.95 -23.35 -20.13
N ILE C 133 -12.20 -23.36 -18.83
CA ILE C 133 -11.18 -23.08 -17.84
C ILE C 133 -10.90 -24.35 -17.05
N ALA C 134 -9.76 -24.99 -17.35
CA ALA C 134 -9.40 -26.27 -16.77
C ALA C 134 -8.25 -26.12 -15.79
N TYR C 135 -8.31 -26.87 -14.69
CA TYR C 135 -7.24 -26.91 -13.72
C TYR C 135 -6.68 -28.33 -13.65
N THR C 136 -5.36 -28.45 -13.72
CA THR C 136 -4.69 -29.74 -13.68
C THR C 136 -3.97 -29.89 -12.35
N PRO C 137 -4.20 -30.97 -11.62
CA PRO C 137 -3.50 -31.18 -10.34
C PRO C 137 -2.00 -31.17 -10.51
N PRO C 138 -1.23 -31.05 -9.42
CA PRO C 138 0.22 -31.03 -9.53
C PRO C 138 0.77 -32.32 -10.15
N GLY C 139 1.80 -32.17 -10.97
CA GLY C 139 2.42 -33.26 -11.67
C GLY C 139 1.95 -33.42 -13.10
N GLY C 140 0.66 -33.23 -13.33
CA GLY C 140 0.09 -33.36 -14.65
C GLY C 140 0.66 -32.34 -15.61
N PRO C 141 0.91 -32.76 -16.85
CA PRO C 141 1.42 -31.83 -17.85
C PRO C 141 0.31 -30.99 -18.46
N LEU C 142 0.71 -30.06 -19.31
CA LEU C 142 -0.26 -29.27 -20.04
C LEU C 142 -1.04 -30.19 -20.99
N PRO C 143 -2.37 -30.14 -21.01
CA PRO C 143 -3.13 -31.02 -21.89
C PRO C 143 -2.79 -30.77 -23.35
N LYS C 144 -2.88 -31.84 -24.15
CA LYS C 144 -2.55 -31.70 -25.57
C LYS C 144 -3.67 -31.02 -26.34
N ASP C 145 -4.91 -31.12 -25.87
CA ASP C 145 -6.03 -30.48 -26.57
C ASP C 145 -7.20 -30.34 -25.61
N ARG C 146 -8.26 -29.70 -26.12
CA ARG C 146 -9.45 -29.48 -25.30
C ARG C 146 -10.13 -30.79 -24.94
N ALA C 147 -9.95 -31.84 -25.75
CA ALA C 147 -10.59 -33.11 -25.47
C ALA C 147 -10.11 -33.69 -24.13
N THR C 148 -8.80 -33.65 -23.89
CA THR C 148 -8.28 -34.10 -22.61
C THR C 148 -8.31 -33.00 -21.56
N ALA C 149 -8.40 -31.73 -21.98
CA ALA C 149 -8.58 -30.66 -21.02
C ALA C 149 -9.93 -30.71 -20.32
N MET C 150 -10.97 -31.16 -21.03
CA MET C 150 -12.30 -31.24 -20.44
C MET C 150 -12.42 -32.40 -19.45
N LEU C 151 -11.62 -33.45 -19.64
CA LEU C 151 -11.75 -34.64 -18.80
C LEU C 151 -11.39 -34.35 -17.35
N GLY C 152 -10.43 -33.47 -17.12
CA GLY C 152 -10.05 -33.11 -15.77
C GLY C 152 -11.09 -32.21 -15.11
N THR C 153 -10.61 -31.49 -14.10
CA THR C 153 -11.46 -30.49 -13.45
C THR C 153 -11.54 -29.24 -14.31
N HIS C 154 -12.76 -28.78 -14.57
CA HIS C 154 -12.95 -27.66 -15.47
C HIS C 154 -14.30 -27.04 -15.21
N VAL C 155 -14.48 -25.84 -15.75
CA VAL C 155 -15.78 -25.17 -15.81
C VAL C 155 -15.98 -24.71 -17.24
N ILE C 156 -17.21 -24.80 -17.72
CA ILE C 156 -17.53 -24.28 -19.04
C ILE C 156 -18.13 -22.89 -18.86
N TRP C 157 -17.38 -21.87 -19.27
CA TRP C 157 -17.74 -20.49 -19.05
C TRP C 157 -18.30 -19.91 -20.34
N ASP C 158 -19.58 -19.56 -20.31
CA ASP C 158 -20.18 -18.78 -21.39
C ASP C 158 -20.46 -17.37 -20.86
N PHE C 159 -20.03 -16.38 -21.63
CA PHE C 159 -20.14 -15.01 -21.18
C PHE C 159 -21.29 -14.25 -21.81
N GLY C 160 -22.11 -14.92 -22.61
CA GLY C 160 -23.37 -14.32 -23.02
C GLY C 160 -24.38 -14.23 -21.91
N LEU C 161 -24.27 -15.11 -20.92
CA LEU C 161 -25.21 -15.11 -19.80
C LEU C 161 -24.58 -14.55 -18.53
N GLN C 162 -23.43 -15.10 -18.14
CA GLN C 162 -22.74 -14.69 -16.93
C GLN C 162 -21.40 -14.05 -17.30
N SER C 163 -21.13 -12.87 -16.75
CA SER C 163 -19.97 -12.08 -17.13
C SER C 163 -18.75 -12.35 -16.27
N SER C 164 -18.89 -13.14 -15.21
CA SER C 164 -17.77 -13.42 -14.32
C SER C 164 -17.94 -14.80 -13.70
N VAL C 165 -16.87 -15.57 -13.70
CA VAL C 165 -16.87 -16.93 -13.15
C VAL C 165 -15.70 -17.05 -12.18
N THR C 166 -15.84 -18.00 -11.25
CA THR C 166 -14.82 -18.24 -10.23
C THR C 166 -14.33 -19.68 -10.33
N LEU C 167 -13.01 -19.84 -10.34
CA LEU C 167 -12.36 -21.15 -10.31
C LEU C 167 -11.59 -21.26 -9.01
N VAL C 168 -11.89 -22.29 -8.23
CA VAL C 168 -11.29 -22.47 -6.92
C VAL C 168 -10.19 -23.52 -7.02
N ILE C 169 -8.96 -23.10 -6.78
CA ILE C 169 -7.84 -24.06 -6.73
C ILE C 169 -7.94 -24.86 -5.44
N PRO C 170 -7.95 -26.20 -5.51
CA PRO C 170 -8.25 -27.00 -4.31
C PRO C 170 -7.26 -26.81 -3.17
N TRP C 171 -5.97 -26.94 -3.46
CA TRP C 171 -4.96 -26.86 -2.40
C TRP C 171 -3.57 -26.67 -2.99
N ILE C 172 -2.78 -25.76 -2.40
CA ILE C 172 -1.41 -25.53 -2.81
C ILE C 172 -0.53 -25.53 -1.58
N SER C 173 0.77 -25.76 -1.79
CA SER C 173 1.75 -25.70 -0.73
C SER C 173 3.10 -25.35 -1.35
N ASN C 174 4.00 -24.83 -0.51
CA ASN C 174 5.31 -24.42 -0.99
C ASN C 174 6.33 -25.55 -0.87
N THR C 190 6.26 -29.72 -7.52
CA THR C 190 5.47 -29.36 -8.69
C THR C 190 4.24 -28.56 -8.26
N THR C 191 3.79 -27.65 -9.12
CA THR C 191 2.62 -26.83 -8.85
C THR C 191 1.57 -27.04 -9.93
N GLY C 192 0.33 -26.68 -9.61
CA GLY C 192 -0.76 -26.88 -10.54
C GLY C 192 -0.71 -25.96 -11.73
N LEU C 193 -1.54 -26.27 -12.72
CA LEU C 193 -1.63 -25.51 -13.96
C LEU C 193 -3.07 -25.07 -14.19
N VAL C 194 -3.25 -23.87 -14.72
CA VAL C 194 -4.55 -23.36 -15.11
C VAL C 194 -4.48 -22.93 -16.56
N SER C 195 -5.30 -23.54 -17.42
CA SER C 195 -5.34 -23.21 -18.83
C SER C 195 -6.76 -22.81 -19.20
N ILE C 196 -6.88 -21.98 -20.23
CA ILE C 196 -8.17 -21.48 -20.68
C ILE C 196 -8.29 -21.76 -22.16
N TRP C 197 -9.38 -22.41 -22.55
CA TRP C 197 -9.56 -22.90 -23.92
C TRP C 197 -10.79 -22.28 -24.57
N TYR C 198 -10.71 -22.13 -25.89
CA TYR C 198 -11.84 -21.69 -26.70
C TYR C 198 -12.77 -22.87 -26.92
N GLN C 199 -13.80 -22.98 -26.08
CA GLN C 199 -14.80 -24.02 -26.31
C GLN C 199 -15.53 -23.78 -27.61
N THR C 200 -16.00 -22.56 -27.83
CA THR C 200 -16.61 -22.15 -29.09
C THR C 200 -15.94 -20.87 -29.56
N ASN C 201 -16.07 -20.58 -30.86
CA ASN C 201 -15.50 -19.36 -31.41
C ASN C 201 -16.16 -18.13 -30.81
N TYR C 202 -15.60 -16.97 -31.13
CA TYR C 202 -16.14 -15.70 -30.64
C TYR C 202 -17.16 -15.18 -31.65
N VAL C 203 -18.43 -15.13 -31.23
CA VAL C 203 -19.51 -14.69 -32.09
C VAL C 203 -19.97 -13.32 -31.63
N VAL C 204 -20.04 -12.37 -32.56
CA VAL C 204 -20.41 -11.00 -32.26
C VAL C 204 -21.32 -10.48 -33.36
N PRO C 205 -22.24 -9.58 -33.01
CA PRO C 205 -23.11 -9.00 -34.05
C PRO C 205 -22.43 -7.91 -34.85
N ILE C 206 -23.12 -7.41 -35.87
CA ILE C 206 -22.58 -6.33 -36.69
C ILE C 206 -22.64 -5.03 -35.91
N GLY C 207 -21.53 -4.30 -35.88
CA GLY C 207 -21.45 -3.05 -35.17
C GLY C 207 -20.84 -3.14 -33.79
N ALA C 208 -20.44 -4.33 -33.35
CA ALA C 208 -19.82 -4.52 -32.04
C ALA C 208 -18.36 -4.90 -32.23
N PRO C 209 -17.49 -4.50 -31.30
CA PRO C 209 -16.05 -4.72 -31.50
C PRO C 209 -15.71 -6.20 -31.60
N ASN C 210 -14.74 -6.49 -32.47
CA ASN C 210 -14.36 -7.85 -32.80
C ASN C 210 -13.26 -8.41 -31.90
N THR C 211 -12.83 -7.68 -30.88
CA THR C 211 -11.88 -8.18 -29.90
C THR C 211 -12.35 -7.79 -28.50
N ALA C 212 -12.13 -8.68 -27.54
CA ALA C 212 -12.51 -8.46 -26.16
C ALA C 212 -11.36 -8.82 -25.24
N TYR C 213 -11.55 -8.56 -23.95
CA TYR C 213 -10.51 -8.79 -22.95
C TYR C 213 -11.09 -9.49 -21.73
N ILE C 214 -10.23 -10.24 -21.05
CA ILE C 214 -10.58 -10.95 -19.83
C ILE C 214 -9.63 -10.52 -18.73
N ILE C 215 -10.19 -10.21 -17.57
CA ILE C 215 -9.41 -9.76 -16.42
C ILE C 215 -9.45 -10.85 -15.35
N ALA C 216 -8.28 -11.27 -14.89
CA ALA C 216 -8.16 -12.31 -13.88
C ALA C 216 -7.96 -11.68 -12.52
N LEU C 217 -8.86 -11.97 -11.59
CA LEU C 217 -8.75 -11.51 -10.21
C LEU C 217 -8.52 -12.71 -9.29
N ALA C 218 -7.37 -12.72 -8.64
CA ALA C 218 -6.94 -13.85 -7.82
C ALA C 218 -6.93 -13.46 -6.35
N ALA C 219 -7.26 -14.42 -5.49
CA ALA C 219 -7.29 -14.19 -4.06
C ALA C 219 -6.99 -15.48 -3.34
N ALA C 220 -7.09 -15.44 -2.02
CA ALA C 220 -6.90 -16.61 -1.17
C ALA C 220 -8.17 -16.87 -0.36
N GLN C 221 -8.43 -18.15 -0.10
CA GLN C 221 -9.61 -18.53 0.68
C GLN C 221 -9.36 -18.22 2.16
N LYS C 222 -10.30 -18.67 2.99
CA LYS C 222 -10.21 -18.43 4.43
C LYS C 222 -9.18 -19.31 5.12
N ASN C 223 -8.73 -20.39 4.49
CA ASN C 223 -7.84 -21.35 5.10
C ASN C 223 -6.38 -21.16 4.71
N PHE C 224 -6.04 -20.07 4.02
CA PHE C 224 -4.66 -19.80 3.70
C PHE C 224 -3.91 -19.28 4.92
N THR C 225 -2.71 -19.81 5.14
CA THR C 225 -1.85 -19.39 6.24
C THR C 225 -0.41 -19.33 5.76
N MET C 226 0.41 -18.62 6.52
CA MET C 226 1.84 -18.46 6.22
C MET C 226 2.65 -18.73 7.48
N LYS C 227 3.93 -19.07 7.28
CA LYS C 227 4.85 -19.33 8.38
C LYS C 227 6.24 -18.86 7.98
N LEU C 228 7.09 -18.67 9.00
CA LEU C 228 8.51 -18.38 8.82
C LEU C 228 8.71 -17.07 8.02
N CYS C 229 8.33 -15.97 8.67
CA CYS C 229 8.53 -14.65 8.10
C CYS C 229 9.99 -14.44 7.72
N LYS C 230 10.21 -13.90 6.53
CA LYS C 230 11.56 -13.71 5.98
C LYS C 230 11.58 -12.44 5.16
N ASP C 231 12.60 -11.61 5.35
CA ASP C 231 12.72 -10.38 4.59
C ASP C 231 13.15 -10.68 3.15
#